data_6X7L
#
_entry.id   6X7L
#
_cell.length_a   60.975
_cell.length_b   60.975
_cell.length_c   310.859
_cell.angle_alpha   90.000
_cell.angle_beta   90.000
_cell.angle_gamma   120.000
#
_symmetry.space_group_name_H-M   'P 61 2 2'
#
loop_
_entity.id
_entity.type
_entity.pdbx_description
1 polymer 'Bifunctional methylmalonyl-CoA:ACP acyltransferase/decarboxylase'
2 non-polymer ALANINE
3 non-polymer [1-[2-[3-[[(2~{R})-4-[[[(2~{R},3~{S},4~{R},5~{R})-5-(6-aminopurin-9-yl)-4-oxidanyl-3-phosphonooxy-oxolan-2-yl]methoxy-oxidanyl-phosphoryl]oxy-oxidanyl-phosphoryl]oxy-3,3-dimethyl-2-oxidanyl-butanoyl]amino]propanoylamino]ethylsulfanyl]-1-oxidanylidene-propan-2-ylidene]-bis(oxidanidyl)azanium
4 non-polymer 'SULFATE ION'
5 water water
#
_entity_poly.entity_id   1
_entity_poly.type   'polypeptide(L)'
_entity_poly.pdbx_seq_one_letter_code
;STITSSLDVRPEIKQAVTVRPGMCGPGSLFVGQLGDWTWETVSAQCDTDVFAARDASGNPTYLAFYYFRVRGGRELHPGS
LTFGDRLTVTSGCYDQGTESVLTLHRIDRAGSDDAQRPLDLHEFYERPRDGSLYVENFNRWVTRSAPGSNEDLVKSSPPG
FRNDGLPQLPAAYSPRAVYREARTAHTFRALDEPGFRLLPDTVEVEHPVDIVRDVNGVGLLYFASYFSMVDKAALALWRR
LGRSDRAFLRRVVVDQQMCYLGNADLDSVLTLGARVRVSTETPGEELVDVVISDRDSGRVIAVSTLHTQHDAHDPKGEA
;
_entity_poly.pdbx_strand_id   A
#
loop_
_chem_comp.id
_chem_comp.type
_chem_comp.name
_chem_comp.formula
KFV non-polymer [1-[2-[3-[[(2~{R})-4-[[[(2~{R},3~{S},4~{R},5~{R})-5-(6-aminopurin-9-yl)-4-oxidanyl-3-phosphonooxy-oxolan-2-yl]methoxy-oxidanyl-phosphoryl]oxy-oxidanyl-phosphoryl]oxy-3,3-dimethyl-2-oxidanyl-butanoyl]amino]propanoylamino]ethylsulfanyl]-1-oxidanylidene-propan-2-ylidene]-bis(oxidanidyl)azanium 'C24 H38 N8 O19 P3 S -1'
SO4 non-polymer 'SULFATE ION' 'O4 S -2'
#
# COMPACT_ATOMS: atom_id res chain seq x y z
N VAL A 9 3.38 -10.66 -25.08
CA VAL A 9 2.89 -10.79 -23.66
C VAL A 9 4.02 -11.38 -22.80
N ARG A 10 4.50 -10.63 -21.79
CA ARG A 10 5.44 -11.18 -20.76
C ARG A 10 4.63 -11.99 -19.77
N PRO A 11 5.13 -13.17 -19.35
CA PRO A 11 4.34 -14.02 -18.48
C PRO A 11 4.25 -13.34 -17.10
N GLU A 12 3.14 -13.59 -16.42
CA GLU A 12 2.98 -13.35 -14.97
C GLU A 12 4.04 -14.17 -14.23
N ILE A 13 4.40 -13.72 -13.04
CA ILE A 13 5.41 -14.40 -12.20
C ILE A 13 4.66 -15.12 -11.08
N LYS A 14 4.80 -16.45 -11.04
CA LYS A 14 4.29 -17.25 -9.91
C LYS A 14 5.46 -17.66 -9.04
N GLN A 15 5.30 -17.58 -7.73
CA GLN A 15 6.34 -18.12 -6.85
C GLN A 15 5.69 -18.78 -5.65
N ALA A 16 6.39 -19.80 -5.14
CA ALA A 16 6.00 -20.46 -3.88
C ALA A 16 6.82 -19.75 -2.76
N VAL A 17 6.15 -19.28 -1.73
CA VAL A 17 6.79 -18.45 -0.67
C VAL A 17 6.50 -19.09 0.67
N THR A 18 7.57 -19.32 1.42
CA THR A 18 7.47 -19.77 2.82
C THR A 18 7.64 -18.53 3.69
N VAL A 19 6.66 -18.24 4.53
CA VAL A 19 6.64 -16.94 5.25
C VAL A 19 7.86 -16.89 6.16
N ARG A 20 8.65 -15.83 5.98
N ARG A 20 8.60 -15.79 6.02
CA ARG A 20 9.92 -15.59 6.73
CA ARG A 20 9.84 -15.52 6.77
C ARG A 20 9.67 -14.52 7.80
C ARG A 20 9.56 -14.57 7.92
N PRO A 21 10.49 -14.46 8.88
CA PRO A 21 10.39 -13.40 9.89
C PRO A 21 10.36 -11.98 9.32
N GLY A 22 11.04 -11.79 8.21
CA GLY A 22 11.16 -10.45 7.60
C GLY A 22 9.98 -10.04 6.73
N MET A 23 8.85 -10.75 6.76
CA MET A 23 7.68 -10.37 5.92
C MET A 23 6.35 -10.64 6.62
N CYS A 24 6.32 -10.64 7.95
CA CYS A 24 5.03 -10.78 8.67
C CYS A 24 5.07 -10.11 10.04
N GLY A 25 3.98 -10.25 10.77
CA GLY A 25 3.86 -9.61 12.10
C GLY A 25 3.02 -8.37 12.00
N PRO A 26 2.80 -7.72 13.15
CA PRO A 26 1.89 -6.57 13.29
C PRO A 26 2.48 -5.27 12.73
N GLY A 27 3.74 -5.31 12.30
CA GLY A 27 4.41 -4.12 11.76
C GLY A 27 4.25 -4.00 10.26
N SER A 28 5.24 -3.36 9.62
CA SER A 28 5.17 -3.01 8.19
C SER A 28 6.03 -3.97 7.37
N LEU A 29 6.43 -5.12 7.92
CA LEU A 29 7.35 -6.00 7.13
C LEU A 29 6.66 -6.58 5.90
N PHE A 30 5.40 -7.00 6.02
CA PHE A 30 4.64 -7.60 4.89
C PHE A 30 4.54 -6.57 3.77
N VAL A 31 4.15 -5.34 4.06
CA VAL A 31 4.07 -4.28 3.05
C VAL A 31 5.45 -4.10 2.44
N GLY A 32 6.48 -4.11 3.25
CA GLY A 32 7.85 -3.95 2.69
C GLY A 32 8.19 -5.05 1.67
N GLN A 33 7.80 -6.29 1.95
CA GLN A 33 8.05 -7.44 1.05
C GLN A 33 7.23 -7.23 -0.22
N LEU A 34 5.96 -6.81 -0.10
CA LEU A 34 5.08 -6.59 -1.27
C LEU A 34 5.75 -5.58 -2.20
N GLY A 35 6.30 -4.53 -1.63
CA GLY A 35 6.91 -3.47 -2.44
C GLY A 35 8.13 -4.00 -3.18
N ASP A 36 8.95 -4.77 -2.50
CA ASP A 36 10.14 -5.39 -3.14
C ASP A 36 9.64 -6.27 -4.31
N TRP A 37 8.58 -7.07 -4.11
CA TRP A 37 8.02 -7.90 -5.21
C TRP A 37 7.52 -7.03 -6.35
N THR A 38 6.92 -5.86 -6.08
CA THR A 38 6.51 -4.95 -7.17
C THR A 38 7.74 -4.53 -7.98
N TRP A 39 8.84 -4.13 -7.34
CA TRP A 39 10.05 -3.70 -8.10
C TRP A 39 10.60 -4.91 -8.88
N GLU A 40 10.59 -6.11 -8.32
CA GLU A 40 11.10 -7.29 -9.07
C GLU A 40 10.20 -7.55 -10.28
N THR A 41 8.90 -7.41 -10.11
CA THR A 41 7.94 -7.77 -11.16
C THR A 41 8.04 -6.77 -12.31
N VAL A 42 8.06 -5.48 -12.02
CA VAL A 42 8.22 -4.41 -13.05
C VAL A 42 9.55 -4.63 -13.78
N SER A 43 10.61 -4.97 -13.04
CA SER A 43 11.95 -5.17 -13.63
C SER A 43 11.88 -6.30 -14.67
N ALA A 44 11.18 -7.37 -14.36
CA ALA A 44 11.09 -8.55 -15.25
C ALA A 44 10.23 -8.23 -16.45
N GLN A 45 9.10 -7.58 -16.22
CA GLN A 45 8.09 -7.39 -17.31
C GLN A 45 8.37 -6.14 -18.16
N CYS A 46 9.15 -5.13 -17.70
CA CYS A 46 9.33 -3.86 -18.42
C CYS A 46 10.77 -3.67 -18.87
N ASP A 47 11.57 -4.75 -18.81
CA ASP A 47 12.94 -4.82 -19.35
C ASP A 47 13.78 -3.65 -18.81
N THR A 48 13.69 -3.40 -17.51
CA THR A 48 14.32 -2.23 -16.89
C THR A 48 14.85 -2.71 -15.54
N ASP A 49 16.04 -2.29 -15.16
CA ASP A 49 16.53 -2.59 -13.79
C ASP A 49 15.99 -1.50 -12.87
N VAL A 50 14.85 -1.74 -12.26
CA VAL A 50 14.16 -0.71 -11.45
C VAL A 50 15.08 -0.31 -10.29
N PHE A 51 15.77 -1.30 -9.71
CA PHE A 51 16.60 -1.06 -8.50
C PHE A 51 17.65 0.02 -8.79
N ALA A 52 18.27 0.00 -9.99
CA ALA A 52 19.36 0.93 -10.33
C ALA A 52 18.94 1.98 -11.37
N ALA A 53 17.67 2.22 -11.53
CA ALA A 53 17.15 3.10 -12.60
C ALA A 53 17.74 4.51 -12.55
N ARG A 54 18.03 5.01 -13.76
CA ARG A 54 18.58 6.35 -13.99
C ARG A 54 17.83 6.95 -15.17
N ASP A 55 17.56 8.25 -15.13
CA ASP A 55 16.90 8.89 -16.30
C ASP A 55 17.98 9.09 -17.37
N ALA A 56 17.56 9.54 -18.55
CA ALA A 56 18.41 9.74 -19.74
C ALA A 56 19.61 10.59 -19.34
N SER A 57 19.32 11.54 -18.47
N SER A 57 19.38 11.53 -18.43
CA SER A 57 20.25 12.54 -17.90
CA SER A 57 20.39 12.51 -18.00
C SER A 57 21.35 11.88 -17.06
C SER A 57 21.35 11.92 -16.96
N GLY A 58 21.11 10.70 -16.47
CA GLY A 58 22.03 10.01 -15.53
C GLY A 58 21.65 10.17 -14.05
N ASN A 59 20.51 10.81 -13.72
CA ASN A 59 20.08 11.01 -12.33
C ASN A 59 19.27 9.79 -11.88
N PRO A 60 19.37 9.37 -10.59
CA PRO A 60 18.58 8.23 -10.12
C PRO A 60 17.10 8.54 -10.22
N THR A 61 16.32 7.58 -10.74
CA THR A 61 14.85 7.70 -10.78
C THR A 61 14.28 6.53 -9.99
N TYR A 62 13.36 6.86 -9.10
CA TYR A 62 12.74 5.92 -8.16
C TYR A 62 11.32 5.61 -8.61
N LEU A 63 10.98 4.34 -8.62
CA LEU A 63 9.63 3.91 -8.98
C LEU A 63 8.80 4.02 -7.69
N ALA A 64 8.44 5.24 -7.35
CA ALA A 64 7.80 5.56 -6.06
C ALA A 64 6.41 4.96 -5.93
N PHE A 65 6.13 4.47 -4.72
CA PHE A 65 4.77 4.03 -4.35
C PHE A 65 3.87 5.25 -4.38
N TYR A 66 2.68 5.10 -4.93
CA TYR A 66 1.70 6.22 -4.97
C TYR A 66 0.32 5.81 -4.47
N TYR A 67 -0.18 4.67 -4.94
CA TYR A 67 -1.46 4.11 -4.45
C TYR A 67 -1.23 2.65 -4.12
N PHE A 68 -1.64 2.25 -2.92
CA PHE A 68 -1.32 0.90 -2.41
C PHE A 68 -2.58 0.38 -1.75
N ARG A 69 -3.05 -0.76 -2.22
CA ARG A 69 -4.17 -1.44 -1.54
C ARG A 69 -3.80 -2.87 -1.20
N VAL A 70 -4.23 -3.29 -0.02
CA VAL A 70 -4.14 -4.66 0.47
C VAL A 70 -5.54 -5.08 0.88
N ARG A 71 -6.17 -5.96 0.09
CA ARG A 71 -7.53 -6.43 0.45
C ARG A 71 -7.48 -7.92 0.78
N GLY A 72 -7.89 -8.27 1.99
CA GLY A 72 -8.06 -9.66 2.43
C GLY A 72 -9.47 -9.86 2.90
N GLY A 73 -9.58 -10.38 4.08
CA GLY A 73 -10.87 -10.87 4.62
C GLY A 73 -10.61 -11.68 5.86
N ARG A 74 -11.66 -12.01 6.61
CA ARG A 74 -11.52 -12.86 7.81
C ARG A 74 -10.75 -14.13 7.47
N GLU A 75 -10.90 -14.75 6.30
CA GLU A 75 -10.27 -16.07 6.01
C GLU A 75 -8.76 -15.91 5.77
N LEU A 76 -8.34 -14.80 5.19
CA LEU A 76 -6.89 -14.56 4.96
C LEU A 76 -6.64 -13.04 4.94
N HIS A 77 -5.93 -12.56 5.95
CA HIS A 77 -5.52 -11.15 6.05
C HIS A 77 -4.05 -11.11 6.42
N PRO A 78 -3.41 -9.93 6.42
CA PRO A 78 -1.97 -9.89 6.73
C PRO A 78 -1.61 -10.47 8.10
N GLY A 79 -2.49 -10.33 9.08
CA GLY A 79 -2.25 -10.88 10.43
C GLY A 79 -2.46 -12.39 10.50
N SER A 80 -3.02 -13.05 9.49
CA SER A 80 -3.08 -14.54 9.36
C SER A 80 -1.68 -15.17 9.25
N LEU A 81 -0.71 -14.44 8.73
CA LEU A 81 0.59 -14.97 8.25
CA LEU A 81 0.58 -14.99 8.25
C LEU A 81 1.50 -15.20 9.46
N THR A 82 1.99 -16.41 9.63
CA THR A 82 2.98 -16.73 10.67
C THR A 82 4.15 -17.44 10.01
N PHE A 83 5.22 -17.58 10.77
CA PHE A 83 6.46 -18.19 10.31
C PHE A 83 6.16 -19.57 9.70
N GLY A 84 6.65 -19.79 8.50
CA GLY A 84 6.61 -21.12 7.88
C GLY A 84 5.33 -21.37 7.10
N ASP A 85 4.37 -20.45 7.10
CA ASP A 85 3.15 -20.61 6.26
C ASP A 85 3.57 -20.73 4.80
N ARG A 86 2.93 -21.66 4.04
CA ARG A 86 3.22 -21.84 2.62
C ARG A 86 2.18 -21.08 1.79
N LEU A 87 2.67 -20.17 0.99
CA LEU A 87 1.80 -19.32 0.15
C LEU A 87 2.15 -19.53 -1.30
N THR A 88 1.19 -19.15 -2.15
N THR A 88 1.22 -19.19 -2.18
CA THR A 88 1.35 -19.01 -3.62
CA THR A 88 1.52 -18.96 -3.59
C THR A 88 1.17 -17.53 -3.97
C THR A 88 1.24 -17.49 -3.88
N VAL A 89 2.13 -16.92 -4.66
CA VAL A 89 2.09 -15.49 -5.07
C VAL A 89 2.10 -15.42 -6.57
N THR A 90 1.09 -14.74 -7.12
CA THR A 90 1.04 -14.50 -8.57
C THR A 90 1.09 -12.99 -8.84
N SER A 91 2.00 -12.53 -9.69
CA SER A 91 2.28 -11.08 -9.90
C SER A 91 2.34 -10.72 -11.38
N GLY A 92 1.92 -9.49 -11.70
CA GLY A 92 1.91 -8.97 -13.06
C GLY A 92 1.59 -7.50 -13.09
N CYS A 93 2.13 -6.86 -14.10
CA CYS A 93 1.95 -5.43 -14.38
C CYS A 93 0.95 -5.17 -15.51
N TYR A 94 0.37 -3.99 -15.42
CA TYR A 94 -0.66 -3.45 -16.33
C TYR A 94 -0.22 -2.07 -16.79
N ASP A 95 -0.43 -1.82 -18.08
CA ASP A 95 0.01 -0.58 -18.73
C ASP A 95 -0.68 0.63 -18.11
N GLN A 96 0.08 1.61 -17.65
CA GLN A 96 -0.44 2.93 -17.25
C GLN A 96 0.38 4.03 -17.94
N GLY A 97 1.01 3.68 -19.07
CA GLY A 97 1.82 4.64 -19.81
C GLY A 97 3.30 4.52 -19.49
N THR A 98 4.05 5.58 -19.78
CA THR A 98 5.54 5.56 -19.60
C THR A 98 5.92 6.12 -18.23
N GLU A 99 5.05 6.82 -17.51
CA GLU A 99 5.54 7.50 -16.27
C GLU A 99 5.04 6.75 -15.00
N SER A 100 4.19 5.76 -15.17
N SER A 100 4.27 5.70 -15.17
CA SER A 100 3.52 5.03 -14.05
CA SER A 100 3.68 4.97 -14.03
C SER A 100 3.31 3.59 -14.47
C SER A 100 3.33 3.57 -14.48
N VAL A 101 3.07 2.69 -13.52
CA VAL A 101 2.74 1.30 -13.85
C VAL A 101 1.95 0.74 -12.70
N LEU A 102 0.98 -0.10 -12.99
CA LEU A 102 0.18 -0.81 -11.99
C LEU A 102 0.71 -2.23 -11.88
N THR A 103 1.00 -2.66 -10.66
CA THR A 103 1.40 -4.04 -10.40
C THR A 103 0.39 -4.67 -9.45
N LEU A 104 -0.05 -5.87 -9.79
CA LEU A 104 -0.97 -6.66 -8.96
C LEU A 104 -0.22 -7.85 -8.41
N HIS A 105 -0.56 -8.22 -7.17
CA HIS A 105 -0.16 -9.51 -6.56
C HIS A 105 -1.39 -10.17 -5.99
N ARG A 106 -1.54 -11.47 -6.27
CA ARG A 106 -2.53 -12.27 -5.53
C ARG A 106 -1.76 -13.25 -4.68
N ILE A 107 -2.18 -13.38 -3.45
CA ILE A 107 -1.60 -14.32 -2.48
C ILE A 107 -2.67 -15.26 -2.02
N ASP A 108 -2.37 -16.54 -2.21
CA ASP A 108 -3.24 -17.63 -1.71
C ASP A 108 -2.40 -18.54 -0.79
N ARG A 109 -3.07 -19.25 0.08
CA ARG A 109 -2.44 -20.39 0.80
CA ARG A 109 -2.45 -20.39 0.82
C ARG A 109 -2.10 -21.45 -0.24
N ALA A 110 -0.88 -22.00 -0.16
N ALA A 110 -0.90 -22.04 -0.16
CA ALA A 110 -0.43 -23.08 -1.06
CA ALA A 110 -0.34 -22.95 -1.20
C ALA A 110 -1.40 -24.26 -0.91
C ALA A 110 -1.30 -24.12 -1.48
N GLY A 111 -1.66 -24.95 -2.02
N GLY A 111 -2.00 -24.60 -0.46
CA GLY A 111 -2.56 -26.12 -2.10
CA GLY A 111 -2.92 -25.76 -0.57
C GLY A 111 -4.01 -25.76 -1.86
C GLY A 111 -4.08 -25.44 -1.49
N SER A 112 -4.35 -24.46 -1.83
N SER A 112 -4.67 -24.25 -1.27
CA SER A 112 -5.77 -24.02 -1.82
CA SER A 112 -5.96 -23.74 -1.79
C SER A 112 -6.32 -24.28 -3.22
C SER A 112 -6.32 -24.36 -3.15
N ASP A 113 -7.63 -24.60 -3.31
CA ASP A 113 -8.31 -24.84 -4.60
C ASP A 113 -8.07 -23.67 -5.57
N ASP A 114 -7.54 -23.99 -6.74
CA ASP A 114 -7.31 -23.08 -7.88
C ASP A 114 -6.33 -21.95 -7.51
N ALA A 115 -5.30 -22.21 -6.70
CA ALA A 115 -4.20 -21.25 -6.42
C ALA A 115 -3.32 -21.07 -7.66
N GLN A 116 -3.37 -21.98 -8.63
CA GLN A 116 -2.56 -21.80 -9.87
C GLN A 116 -3.25 -20.85 -10.84
N ARG A 117 -4.47 -20.40 -10.57
CA ARG A 117 -5.20 -19.53 -11.52
C ARG A 117 -4.40 -18.26 -11.81
N PRO A 118 -4.48 -17.74 -13.05
CA PRO A 118 -3.81 -16.50 -13.39
C PRO A 118 -4.51 -15.26 -12.82
N LEU A 119 -3.83 -14.13 -12.93
CA LEU A 119 -4.44 -12.84 -12.55
C LEU A 119 -5.72 -12.67 -13.36
N ASP A 120 -6.72 -12.11 -12.70
CA ASP A 120 -8.06 -11.89 -13.29
C ASP A 120 -8.51 -10.53 -12.79
N LEU A 121 -8.53 -9.54 -13.68
CA LEU A 121 -8.92 -8.18 -13.28
C LEU A 121 -10.31 -8.19 -12.70
N HIS A 122 -11.21 -8.96 -13.27
CA HIS A 122 -12.61 -9.00 -12.81
C HIS A 122 -12.63 -9.49 -11.36
N GLU A 123 -11.81 -10.50 -11.05
CA GLU A 123 -11.73 -11.00 -9.66
C GLU A 123 -11.19 -9.88 -8.75
N PHE A 124 -10.08 -9.23 -9.10
CA PHE A 124 -9.46 -8.18 -8.27
C PHE A 124 -10.40 -6.99 -8.00
N TYR A 125 -11.08 -6.51 -9.04
CA TYR A 125 -11.83 -5.24 -9.00
C TYR A 125 -13.32 -5.45 -8.67
N GLU A 126 -13.90 -6.61 -8.98
CA GLU A 126 -15.37 -6.81 -8.85
C GLU A 126 -15.75 -8.02 -7.99
N ARG A 127 -14.99 -9.13 -7.99
CA ARG A 127 -15.39 -10.36 -7.22
C ARG A 127 -14.21 -10.89 -6.41
N PRO A 128 -13.62 -10.09 -5.49
CA PRO A 128 -12.57 -10.63 -4.62
C PRO A 128 -13.11 -11.71 -3.69
N ARG A 129 -12.32 -12.76 -3.50
CA ARG A 129 -12.68 -13.98 -2.73
C ARG A 129 -12.15 -13.84 -1.32
N ASP A 130 -12.98 -14.11 -0.32
CA ASP A 130 -12.54 -14.22 1.11
C ASP A 130 -11.63 -15.44 1.14
N GLY A 131 -10.38 -15.30 1.60
CA GLY A 131 -9.40 -16.39 1.53
C GLY A 131 -8.24 -16.14 0.60
N SER A 132 -8.30 -15.13 -0.26
CA SER A 132 -7.14 -14.64 -1.05
C SER A 132 -6.84 -13.21 -0.59
N LEU A 133 -5.58 -12.84 -0.73
CA LEU A 133 -5.12 -11.45 -0.52
C LEU A 133 -4.85 -10.83 -1.86
N TYR A 134 -5.34 -9.62 -2.05
CA TYR A 134 -5.23 -8.92 -3.34
C TYR A 134 -4.39 -7.67 -3.09
N VAL A 135 -3.33 -7.48 -3.84
CA VAL A 135 -2.50 -6.28 -3.66
C VAL A 135 -2.46 -5.48 -4.94
N GLU A 136 -2.70 -4.17 -4.85
CA GLU A 136 -2.61 -3.25 -5.98
C GLU A 136 -1.53 -2.22 -5.64
N ASN A 137 -0.53 -2.11 -6.50
CA ASN A 137 0.55 -1.11 -6.29
C ASN A 137 0.64 -0.26 -7.54
N PHE A 138 0.19 0.99 -7.45
CA PHE A 138 0.32 1.98 -8.53
C PHE A 138 1.49 2.87 -8.20
N ASN A 139 2.49 2.83 -9.06
CA ASN A 139 3.81 3.44 -8.82
C ASN A 139 4.11 4.44 -9.94
N ARG A 140 4.81 5.50 -9.57
CA ARG A 140 5.15 6.63 -10.45
C ARG A 140 6.65 6.86 -10.40
N TRP A 141 7.30 6.90 -11.59
CA TRP A 141 8.73 7.29 -11.68
C TRP A 141 8.93 8.74 -11.28
N VAL A 142 9.79 8.98 -10.30
CA VAL A 142 10.16 10.35 -9.85
C VAL A 142 11.66 10.51 -9.70
N THR A 143 12.11 11.76 -9.84
CA THR A 143 13.46 12.22 -9.46
C THR A 143 13.32 13.35 -8.44
N ARG A 144 14.39 13.61 -7.70
CA ARG A 144 14.49 14.80 -6.85
C ARG A 144 14.63 16.03 -7.74
N SER A 145 14.03 17.13 -7.34
CA SER A 145 14.22 18.45 -8.00
C SER A 145 15.49 19.14 -7.48
N ALA A 146 15.97 18.82 -6.28
CA ALA A 146 17.24 19.36 -5.71
C ALA A 146 17.88 18.26 -4.86
N PRO A 147 19.22 18.06 -4.91
CA PRO A 147 19.87 17.06 -4.08
C PRO A 147 19.52 17.35 -2.62
N GLY A 148 19.31 16.31 -1.83
CA GLY A 148 19.03 16.52 -0.41
C GLY A 148 17.63 17.07 -0.12
N SER A 149 16.80 17.39 -1.13
CA SER A 149 15.38 17.75 -0.92
C SER A 149 14.47 16.55 -1.20
N ASN A 150 13.48 16.36 -0.33
CA ASN A 150 12.49 15.28 -0.51
C ASN A 150 11.17 15.89 -0.95
N GLU A 151 11.13 17.22 -1.18
CA GLU A 151 9.91 17.91 -1.64
C GLU A 151 9.97 18.16 -3.16
N ASP A 152 8.83 18.39 -3.79
CA ASP A 152 8.75 18.84 -5.19
C ASP A 152 9.47 17.82 -6.08
N LEU A 153 9.14 16.54 -5.89
CA LEU A 153 9.67 15.48 -6.77
C LEU A 153 9.08 15.68 -8.16
N VAL A 154 9.84 15.27 -9.15
CA VAL A 154 9.58 15.52 -10.60
C VAL A 154 9.28 14.20 -11.32
N LYS A 155 8.26 14.20 -12.18
CA LYS A 155 7.89 12.98 -12.95
C LYS A 155 9.03 12.65 -13.93
N SER A 156 9.21 11.36 -14.13
CA SER A 156 10.34 10.85 -14.93
C SER A 156 9.92 9.53 -15.58
N SER A 157 10.84 8.95 -16.31
CA SER A 157 10.68 7.65 -16.95
C SER A 157 12.11 7.26 -17.28
N PRO A 158 12.57 6.08 -16.91
CA PRO A 158 13.90 5.66 -17.34
C PRO A 158 13.88 5.29 -18.82
N PRO A 159 14.96 5.67 -19.54
CA PRO A 159 15.10 5.24 -20.94
C PRO A 159 14.91 3.74 -21.03
N GLY A 160 14.12 3.26 -22.00
CA GLY A 160 13.97 1.82 -22.26
C GLY A 160 12.94 1.16 -21.38
N PHE A 161 12.13 1.95 -20.68
CA PHE A 161 10.99 1.38 -19.92
C PHE A 161 9.98 0.81 -20.91
N ARG A 162 9.74 -0.49 -20.93
CA ARG A 162 8.83 -1.15 -21.90
C ARG A 162 7.47 -1.37 -21.23
N ASN A 163 6.62 -0.38 -21.33
CA ASN A 163 5.19 -0.56 -21.02
C ASN A 163 4.39 -1.14 -22.20
N ASP A 164 4.93 -1.12 -23.42
N ASP A 164 4.93 -1.11 -23.42
CA ASP A 164 4.26 -1.71 -24.62
CA ASP A 164 4.19 -1.44 -24.69
C ASP A 164 4.11 -3.22 -24.43
C ASP A 164 3.69 -2.89 -24.70
N GLY A 165 2.97 -3.77 -24.83
N GLY A 165 4.37 -3.82 -24.03
CA GLY A 165 2.62 -5.20 -24.65
CA GLY A 165 3.96 -5.23 -24.03
C GLY A 165 2.22 -5.54 -23.23
C GLY A 165 3.14 -5.62 -22.81
N LEU A 166 2.45 -4.68 -22.24
N LEU A 166 2.67 -4.66 -22.00
CA LEU A 166 1.83 -4.93 -20.92
CA LEU A 166 1.85 -4.98 -20.81
C LEU A 166 0.34 -5.02 -21.18
C LEU A 166 0.39 -5.07 -21.19
N PRO A 167 -0.42 -5.89 -20.48
CA PRO A 167 -1.86 -5.93 -20.67
C PRO A 167 -2.54 -4.63 -20.24
N GLN A 168 -3.72 -4.36 -20.82
CA GLN A 168 -4.48 -3.11 -20.65
C GLN A 168 -5.49 -3.25 -19.51
N LEU A 169 -5.69 -2.16 -18.82
CA LEU A 169 -6.72 -2.01 -17.78
C LEU A 169 -7.92 -1.35 -18.44
N PRO A 170 -9.16 -1.83 -18.24
CA PRO A 170 -10.32 -1.09 -18.75
C PRO A 170 -10.56 0.17 -17.92
N ALA A 171 -11.23 1.15 -18.51
CA ALA A 171 -11.54 2.44 -17.89
C ALA A 171 -12.16 2.26 -16.51
N ALA A 172 -13.00 1.24 -16.32
CA ALA A 172 -13.70 1.02 -15.04
C ALA A 172 -12.73 0.87 -13.86
N TYR A 173 -11.52 0.32 -14.09
CA TYR A 173 -10.67 -0.15 -12.98
C TYR A 173 -9.52 0.83 -12.69
N SER A 174 -9.53 1.98 -13.31
CA SER A 174 -8.59 3.12 -13.05
C SER A 174 -8.26 3.42 -11.59
N PRO A 175 -6.98 3.23 -11.16
CA PRO A 175 -6.56 3.66 -9.83
C PRO A 175 -6.53 5.19 -9.70
N ARG A 176 -6.46 5.91 -10.82
CA ARG A 176 -6.39 7.39 -10.77
C ARG A 176 -7.69 7.96 -10.17
N ALA A 177 -8.86 7.48 -10.57
CA ALA A 177 -10.14 7.95 -10.00
C ALA A 177 -10.16 7.70 -8.49
N VAL A 178 -9.65 6.54 -8.08
CA VAL A 178 -9.69 6.09 -6.67
C VAL A 178 -8.86 7.05 -5.82
N TYR A 179 -7.61 7.30 -6.22
CA TYR A 179 -6.75 8.16 -5.41
C TYR A 179 -7.17 9.62 -5.53
N ARG A 180 -7.70 10.06 -6.67
CA ARG A 180 -8.17 11.47 -6.77
C ARG A 180 -9.27 11.70 -5.73
N GLU A 181 -10.17 10.75 -5.55
CA GLU A 181 -11.31 10.91 -4.61
C GLU A 181 -10.73 10.95 -3.19
N ALA A 182 -9.74 10.10 -2.87
CA ALA A 182 -9.11 10.07 -1.53
C ALA A 182 -8.40 11.38 -1.19
N ARG A 183 -7.68 12.03 -2.12
CA ARG A 183 -6.97 13.31 -1.83
C ARG A 183 -7.99 14.41 -1.49
N THR A 184 -9.17 14.33 -2.08
CA THR A 184 -10.26 15.33 -1.91
C THR A 184 -11.04 15.06 -0.63
N ALA A 185 -11.42 13.80 -0.38
CA ALA A 185 -12.30 13.38 0.72
C ALA A 185 -11.56 13.06 2.01
N HIS A 186 -10.25 12.77 1.95
CA HIS A 186 -9.43 12.34 3.09
C HIS A 186 -9.97 11.03 3.65
N THR A 187 -10.53 10.21 2.76
CA THR A 187 -10.94 8.83 3.02
C THR A 187 -11.09 8.14 1.68
N PHE A 188 -10.96 6.84 1.66
CA PHE A 188 -11.27 5.98 0.51
C PHE A 188 -12.69 5.39 0.60
N ARG A 189 -13.39 5.66 1.69
CA ARG A 189 -14.77 5.15 1.95
C ARG A 189 -15.67 6.36 2.21
N ALA A 190 -16.44 6.74 1.21
CA ALA A 190 -17.19 8.02 1.22
C ALA A 190 -17.93 8.15 2.58
N LEU A 191 -17.95 9.36 3.12
CA LEU A 191 -18.51 9.68 4.46
CA LEU A 191 -18.50 9.66 4.47
C LEU A 191 -20.02 9.40 4.49
N ASP A 192 -20.66 9.50 3.34
CA ASP A 192 -22.12 9.26 3.21
C ASP A 192 -22.39 7.77 2.98
N GLU A 193 -21.40 6.89 3.16
CA GLU A 193 -21.65 5.44 3.01
C GLU A 193 -22.63 5.02 4.11
N PRO A 194 -23.76 4.36 3.76
CA PRO A 194 -24.73 3.90 4.75
C PRO A 194 -24.14 2.85 5.69
N GLY A 195 -24.69 2.73 6.90
CA GLY A 195 -24.39 1.59 7.79
C GLY A 195 -23.23 1.86 8.72
N PHE A 196 -22.81 3.11 8.82
CA PHE A 196 -21.69 3.54 9.70
C PHE A 196 -22.12 4.79 10.46
N ARG A 197 -21.43 5.04 11.56
CA ARG A 197 -21.67 6.19 12.43
C ARG A 197 -20.30 6.70 12.89
N LEU A 198 -20.03 7.97 12.65
CA LEU A 198 -18.75 8.61 13.03
C LEU A 198 -18.69 8.77 14.55
N LEU A 199 -17.69 8.23 15.23
CA LEU A 199 -17.43 8.51 16.67
C LEU A 199 -16.96 9.96 16.79
N PRO A 200 -17.26 10.64 17.92
CA PRO A 200 -16.77 12.01 18.13
C PRO A 200 -15.28 12.05 18.47
N ASP A 201 -14.73 10.93 18.91
CA ASP A 201 -13.32 10.85 19.38
C ASP A 201 -12.38 10.84 18.15
N THR A 202 -11.39 11.72 18.17
CA THR A 202 -10.29 11.79 17.17
C THR A 202 -8.97 12.04 17.88
N VAL A 203 -7.87 11.87 17.15
CA VAL A 203 -6.52 12.17 17.69
C VAL A 203 -5.79 13.00 16.65
N GLU A 204 -4.82 13.75 17.11
CA GLU A 204 -3.87 14.48 16.26
C GLU A 204 -2.52 14.31 16.94
N VAL A 205 -1.62 13.50 16.36
CA VAL A 205 -0.31 13.15 16.97
C VAL A 205 0.80 13.93 16.24
N GLU A 206 1.68 14.62 16.97
CA GLU A 206 2.89 15.21 16.36
C GLU A 206 3.88 14.07 16.27
N HIS A 207 4.42 13.86 15.07
CA HIS A 207 5.38 12.79 14.79
C HIS A 207 6.59 13.39 14.09
N PRO A 208 7.71 13.62 14.80
CA PRO A 208 8.97 13.92 14.13
C PRO A 208 9.42 12.72 13.28
N VAL A 209 9.93 12.97 12.09
CA VAL A 209 10.44 11.85 11.23
C VAL A 209 11.44 11.06 12.05
N ASP A 210 11.27 9.75 12.07
CA ASP A 210 12.15 8.85 12.86
C ASP A 210 13.36 8.49 12.02
N ILE A 211 14.53 9.10 12.30
CA ILE A 211 15.69 8.94 11.41
C ILE A 211 16.35 7.58 11.69
N VAL A 212 16.02 6.95 12.82
CA VAL A 212 16.57 5.61 13.20
C VAL A 212 15.82 4.56 12.40
N ARG A 213 14.51 4.74 12.20
CA ARG A 213 13.62 3.65 11.70
C ARG A 213 13.18 3.89 10.28
N ASP A 214 12.87 5.13 9.85
CA ASP A 214 11.96 5.32 8.70
C ASP A 214 12.59 5.93 7.45
N VAL A 215 13.87 5.95 7.40
CA VAL A 215 14.61 6.50 6.24
C VAL A 215 14.98 5.33 5.37
N ASN A 216 14.79 5.48 4.06
CA ASN A 216 15.18 4.41 3.12
C ASN A 216 16.62 4.62 2.64
N GLY A 217 17.07 3.70 1.78
CA GLY A 217 18.46 3.65 1.26
C GLY A 217 18.82 4.77 0.31
N VAL A 218 17.86 5.62 -0.07
CA VAL A 218 18.12 6.79 -0.95
C VAL A 218 17.73 8.07 -0.23
N GLY A 219 17.53 8.03 1.09
CA GLY A 219 17.30 9.23 1.92
C GLY A 219 15.91 9.83 1.84
N LEU A 220 14.93 9.10 1.29
CA LEU A 220 13.48 9.45 1.34
C LEU A 220 12.86 8.82 2.59
N LEU A 221 11.69 9.30 3.01
N LEU A 221 11.68 9.27 2.96
CA LEU A 221 10.84 8.51 3.93
CA LEU A 221 10.84 8.55 3.93
C LEU A 221 10.51 7.20 3.23
C LEU A 221 10.38 7.22 3.30
N TYR A 222 10.70 6.10 3.94
CA TYR A 222 10.49 4.74 3.39
C TYR A 222 9.02 4.44 3.24
N PHE A 223 8.65 3.90 2.08
CA PHE A 223 7.21 3.76 1.78
C PHE A 223 6.54 2.91 2.85
N ALA A 224 7.21 1.91 3.40
CA ALA A 224 6.51 1.01 4.36
C ALA A 224 6.30 1.76 5.68
N SER A 225 7.12 2.77 5.97
CA SER A 225 7.02 3.61 7.20
CA SER A 225 7.00 3.56 7.22
C SER A 225 5.74 4.41 7.19
N TYR A 226 5.12 4.61 6.03
CA TYR A 226 3.79 5.27 6.00
C TYR A 226 2.75 4.40 6.68
N PHE A 227 2.83 3.10 6.48
CA PHE A 227 1.94 2.14 7.14
C PHE A 227 2.20 2.13 8.64
N SER A 228 3.47 2.22 9.06
CA SER A 228 3.81 2.30 10.51
C SER A 228 3.22 3.57 11.12
N MET A 229 3.37 4.71 10.43
CA MET A 229 2.86 5.99 10.96
C MET A 229 1.33 5.95 11.04
N VAL A 230 0.67 5.34 10.08
CA VAL A 230 -0.81 5.26 10.10
C VAL A 230 -1.21 4.39 11.29
N ASP A 231 -0.49 3.31 11.53
CA ASP A 231 -0.84 2.41 12.67
C ASP A 231 -0.53 3.11 13.99
N LYS A 232 0.47 3.98 14.03
CA LYS A 232 0.76 4.81 15.25
C LYS A 232 -0.45 5.70 15.53
N ALA A 233 -0.98 6.37 14.52
CA ALA A 233 -2.24 7.15 14.66
C ALA A 233 -3.39 6.25 15.12
N ALA A 234 -3.54 5.09 14.50
CA ALA A 234 -4.66 4.17 14.78
C ALA A 234 -4.54 3.73 16.24
N LEU A 235 -3.32 3.42 16.72
CA LEU A 235 -3.14 2.97 18.12
C LEU A 235 -3.48 4.12 19.08
N ALA A 236 -3.09 5.35 18.74
CA ALA A 236 -3.39 6.52 19.60
C ALA A 236 -4.93 6.64 19.75
N LEU A 237 -5.67 6.47 18.67
CA LEU A 237 -7.15 6.60 18.70
C LEU A 237 -7.73 5.41 19.46
N TRP A 238 -7.21 4.22 19.25
CA TRP A 238 -7.63 2.99 19.96
C TRP A 238 -7.50 3.22 21.47
N ARG A 239 -6.42 3.86 21.90
CA ARG A 239 -6.12 4.07 23.34
C ARG A 239 -7.05 5.15 23.88
N ARG A 240 -7.23 6.24 23.13
CA ARG A 240 -8.21 7.32 23.46
C ARG A 240 -9.61 6.72 23.64
N LEU A 241 -9.97 5.69 22.90
CA LEU A 241 -11.27 4.98 23.09
C LEU A 241 -11.25 4.01 24.29
N GLY A 242 -10.16 3.98 25.07
CA GLY A 242 -9.98 3.12 26.27
C GLY A 242 -9.85 1.63 25.96
N ARG A 243 -9.40 1.27 24.75
CA ARG A 243 -9.19 -0.15 24.36
C ARG A 243 -7.76 -0.57 24.71
N SER A 244 -7.55 -1.87 24.87
CA SER A 244 -6.29 -2.46 25.40
C SER A 244 -5.28 -2.66 24.27
N ASP A 245 -3.98 -2.60 24.61
CA ASP A 245 -2.87 -2.89 23.67
C ASP A 245 -3.01 -4.32 23.17
N ARG A 246 -3.35 -5.24 24.07
CA ARG A 246 -3.60 -6.66 23.78
C ARG A 246 -4.62 -6.75 22.65
N ALA A 247 -5.70 -5.96 22.72
CA ALA A 247 -6.82 -6.03 21.76
C ALA A 247 -6.40 -5.44 20.41
N PHE A 248 -5.56 -4.40 20.46
CA PHE A 248 -5.00 -3.77 19.23
C PHE A 248 -4.20 -4.84 18.47
N LEU A 249 -3.46 -5.68 19.19
CA LEU A 249 -2.71 -6.77 18.51
C LEU A 249 -3.64 -7.82 17.89
N ARG A 250 -4.92 -7.93 18.30
CA ARG A 250 -5.86 -8.93 17.71
C ARG A 250 -6.69 -8.34 16.57
N ARG A 251 -6.52 -7.04 16.32
CA ARG A 251 -7.28 -6.27 15.30
CA ARG A 251 -7.34 -6.32 15.31
C ARG A 251 -7.08 -6.93 13.93
N VAL A 252 -8.16 -7.18 13.18
CA VAL A 252 -8.11 -7.76 11.82
C VAL A 252 -8.30 -6.62 10.80
N VAL A 253 -7.31 -6.40 9.95
CA VAL A 253 -7.43 -5.40 8.85
C VAL A 253 -7.87 -6.13 7.60
N VAL A 254 -9.15 -6.04 7.22
CA VAL A 254 -9.61 -6.78 6.02
C VAL A 254 -9.39 -5.96 4.77
N ASP A 255 -9.09 -4.66 4.88
CA ASP A 255 -8.84 -3.86 3.67
C ASP A 255 -8.08 -2.62 4.09
N GLN A 256 -7.09 -2.25 3.29
CA GLN A 256 -6.40 -0.98 3.60
C GLN A 256 -5.93 -0.35 2.27
N GLN A 257 -6.11 0.96 2.18
CA GLN A 257 -5.77 1.79 1.00
C GLN A 257 -4.89 2.92 1.51
N MET A 258 -3.82 3.26 0.75
CA MET A 258 -2.86 4.28 1.13
C MET A 258 -2.59 5.10 -0.13
N CYS A 259 -2.63 6.43 -0.04
CA CYS A 259 -2.15 7.31 -1.12
C CYS A 259 -0.96 8.11 -0.58
N TYR A 260 0.18 8.07 -1.30
CA TYR A 260 1.42 8.78 -0.98
C TYR A 260 1.45 10.10 -1.74
N LEU A 261 0.80 11.13 -1.21
CA LEU A 261 0.72 12.45 -1.89
C LEU A 261 2.06 13.16 -1.90
N GLY A 262 2.91 12.92 -0.91
CA GLY A 262 4.21 13.57 -0.88
C GLY A 262 5.18 12.78 -0.02
N ASN A 263 6.44 13.07 -0.19
CA ASN A 263 7.51 12.62 0.73
C ASN A 263 7.83 13.82 1.63
N ALA A 264 8.87 13.72 2.42
CA ALA A 264 9.13 14.80 3.42
C ALA A 264 10.59 14.82 3.77
N ASP A 265 11.12 16.02 4.03
CA ASP A 265 12.51 16.15 4.49
C ASP A 265 12.68 15.46 5.84
N LEU A 266 13.89 14.99 6.09
CA LEU A 266 14.17 14.12 7.27
C LEU A 266 14.15 14.89 8.60
N ASP A 267 14.10 16.23 8.57
CA ASP A 267 13.93 17.04 9.80
C ASP A 267 12.48 17.49 9.98
N SER A 268 11.54 16.97 9.21
CA SER A 268 10.12 17.37 9.31
C SER A 268 9.46 16.86 10.58
N VAL A 269 8.51 17.64 11.05
CA VAL A 269 7.56 17.18 12.11
C VAL A 269 6.23 16.96 11.42
N LEU A 270 5.79 15.72 11.34
CA LEU A 270 4.51 15.43 10.70
C LEU A 270 3.41 15.42 11.73
N THR A 271 2.19 15.53 11.24
CA THR A 271 0.98 15.43 12.06
C THR A 271 0.15 14.25 11.55
N LEU A 272 -0.23 13.38 12.46
CA LEU A 272 -1.04 12.19 12.13
C LEU A 272 -2.43 12.38 12.75
N GLY A 273 -3.43 12.56 11.90
CA GLY A 273 -4.82 12.72 12.33
C GLY A 273 -5.60 11.46 12.08
N ALA A 274 -6.43 11.06 13.03
CA ALA A 274 -7.22 9.84 12.88
C ALA A 274 -8.63 10.05 13.40
N ARG A 275 -9.57 9.49 12.66
CA ARG A 275 -11.00 9.44 13.02
C ARG A 275 -11.53 8.04 12.70
N VAL A 276 -12.65 7.68 13.31
CA VAL A 276 -13.21 6.32 13.13
C VAL A 276 -14.74 6.39 12.97
N ARG A 277 -15.24 5.50 12.14
CA ARG A 277 -16.68 5.22 11.95
C ARG A 277 -16.97 3.78 12.35
N VAL A 278 -17.99 3.56 13.19
CA VAL A 278 -18.33 2.19 13.63
C VAL A 278 -19.54 1.72 12.83
N SER A 279 -19.59 0.43 12.54
CA SER A 279 -20.71 -0.21 11.80
C SER A 279 -21.93 -0.16 12.72
N THR A 280 -23.10 0.14 12.17
CA THR A 280 -24.39 0.03 12.89
C THR A 280 -24.97 -1.36 12.60
N GLU A 281 -24.44 -2.08 11.61
CA GLU A 281 -24.96 -3.40 11.16
C GLU A 281 -24.14 -4.55 11.80
N THR A 282 -22.81 -4.44 11.88
CA THR A 282 -21.90 -5.53 12.36
C THR A 282 -21.05 -5.06 13.54
N PRO A 283 -21.27 -5.63 14.75
CA PRO A 283 -20.45 -5.28 15.90
C PRO A 283 -18.96 -5.52 15.59
N GLY A 284 -18.09 -4.68 16.12
CA GLY A 284 -16.62 -4.77 15.94
C GLY A 284 -16.10 -4.22 14.60
N GLU A 285 -16.94 -3.95 13.61
CA GLU A 285 -16.47 -3.52 12.24
C GLU A 285 -16.35 -1.99 12.25
N GLU A 286 -15.21 -1.44 11.83
CA GLU A 286 -15.05 0.02 11.84
C GLU A 286 -14.13 0.46 10.70
N LEU A 287 -14.29 1.71 10.26
CA LEU A 287 -13.46 2.33 9.21
C LEU A 287 -12.60 3.38 9.90
N VAL A 288 -11.28 3.24 9.83
CA VAL A 288 -10.38 4.24 10.43
C VAL A 288 -9.72 5.02 9.28
N ASP A 289 -9.81 6.33 9.35
CA ASP A 289 -9.19 7.24 8.36
C ASP A 289 -8.03 7.95 9.05
N VAL A 290 -6.86 7.93 8.39
CA VAL A 290 -5.65 8.64 8.85
C VAL A 290 -5.15 9.55 7.75
N VAL A 291 -4.90 10.79 8.15
CA VAL A 291 -4.33 11.84 7.27
C VAL A 291 -2.98 12.23 7.87
N ILE A 292 -1.92 12.20 7.08
CA ILE A 292 -0.57 12.61 7.51
C ILE A 292 -0.29 13.95 6.85
N SER A 293 -0.09 14.99 7.68
CA SER A 293 0.19 16.37 7.22
C SER A 293 1.64 16.75 7.49
N ASP A 294 2.17 17.62 6.66
CA ASP A 294 3.45 18.32 6.88
C ASP A 294 3.08 19.80 7.05
N ARG A 295 2.70 20.15 8.27
CA ARG A 295 2.17 21.51 8.59
CA ARG A 295 2.15 21.51 8.55
C ARG A 295 3.08 22.57 7.96
N ASP A 296 4.40 22.42 8.11
CA ASP A 296 5.37 23.50 7.75
C ASP A 296 5.36 23.76 6.25
N SER A 297 5.06 22.78 5.39
CA SER A 297 5.02 23.00 3.93
C SER A 297 3.59 23.15 3.43
N GLY A 298 2.61 23.04 4.32
CA GLY A 298 1.20 23.15 3.93
C GLY A 298 0.68 21.98 3.12
N ARG A 299 1.23 20.80 3.28
CA ARG A 299 0.91 19.65 2.39
C ARG A 299 0.28 18.50 3.19
N VAL A 300 -0.72 17.87 2.59
CA VAL A 300 -1.19 16.53 3.03
C VAL A 300 -0.25 15.59 2.30
N ILE A 301 0.52 14.77 3.03
CA ILE A 301 1.46 13.87 2.30
C ILE A 301 0.93 12.44 2.26
N ALA A 302 -0.09 12.08 3.01
CA ALA A 302 -0.69 10.74 2.92
C ALA A 302 -2.13 10.71 3.41
N VAL A 303 -2.89 9.81 2.82
CA VAL A 303 -4.24 9.43 3.28
C VAL A 303 -4.31 7.92 3.30
N SER A 304 -4.91 7.36 4.35
CA SER A 304 -5.14 5.90 4.48
C SER A 304 -6.50 5.63 5.08
N THR A 305 -7.20 4.66 4.55
CA THR A 305 -8.39 4.11 5.20
C THR A 305 -8.12 2.65 5.51
N LEU A 306 -8.46 2.23 6.72
CA LEU A 306 -8.44 0.81 7.14
C LEU A 306 -9.86 0.36 7.42
N HIS A 307 -10.24 -0.75 6.84
CA HIS A 307 -11.48 -1.49 7.18
C HIS A 307 -11.10 -2.59 8.14
N THR A 308 -11.57 -2.50 9.38
CA THR A 308 -11.12 -3.42 10.46
C THR A 308 -12.29 -4.17 11.08
N GLN A 309 -11.95 -5.31 11.69
CA GLN A 309 -12.82 -6.13 12.57
C GLN A 309 -12.07 -6.36 13.87
N HIS A 310 -12.69 -6.05 15.00
CA HIS A 310 -12.06 -6.26 16.32
C HIS A 310 -13.06 -6.87 17.31
N ASP A 311 -12.57 -7.28 18.48
CA ASP A 311 -13.30 -8.04 19.53
C ASP A 311 -12.95 -7.44 20.90
N ALA B . -13.13 -5.24 20.94
CA ALA B . -13.11 -4.29 22.06
C ALA B . -11.71 -4.27 22.64
O ALA B . -11.00 -3.35 22.25
CB ALA B . -14.15 -4.67 23.10
O5' KFV C . 2.68 15.49 -11.72
P1 KFV C . 2.31 16.74 -10.81
O11 KFV C . 3.46 17.65 -10.38
O12 KFV C . 1.09 17.54 -11.37
O6 KFV C . 1.69 16.10 -9.46
P2 KFV C . 2.26 16.35 -7.99
O21 KFV C . 3.12 17.53 -7.65
O22 KFV C . 1.09 15.99 -7.11
O7 KFV C . 3.37 15.18 -7.75
CPB KFV C . 3.15 13.83 -8.09
CPA KFV C . 4.25 13.14 -7.24
CP9 KFV C . 5.64 13.69 -7.58
CP8 KFV C . 4.20 11.64 -7.55
CP7 KFV C . 3.91 13.42 -5.76
OP3 KFV C . 2.55 13.06 -5.44
CP6 KFV C . 4.86 12.76 -4.77
OP2 KFV C . 6.00 13.18 -4.53
NP2 KFV C . 4.34 11.73 -4.09
CP5 KFV C . 5.14 11.06 -3.07
CP4 KFV C . 5.47 9.63 -3.47
CP3 KFV C . 6.28 9.00 -2.39
OP1 KFV C . 7.03 9.67 -1.66
NP1 KFV C . 6.25 7.66 -2.29
CP2 KFV C . 7.07 6.86 -1.45
CP1 KFV C . 8.59 7.04 -1.79
S KFV C . 9.60 5.84 -0.99
CS1 KFV C . 9.51 4.52 -2.10
OS1 KFV C . 8.77 4.51 -3.04
CS2 KFV C . 10.47 3.39 -1.96
CS3 KFV C . 10.59 2.32 -3.00
NS4 KFV C . 11.13 3.19 -0.72
OS4 KFV C . 11.93 2.21 -0.65
OS5 KFV C . 10.89 3.99 0.23
S SO4 D . -2.83 13.18 -10.81
O1 SO4 D . -2.37 14.26 -11.67
O2 SO4 D . -4.22 13.43 -10.49
O3 SO4 D . -2.73 11.91 -11.52
O4 SO4 D . -1.93 13.12 -9.64
S SO4 E . -14.25 -1.12 -3.73
O1 SO4 E . -13.19 -1.08 -4.70
O2 SO4 E . -15.46 -0.64 -4.33
O3 SO4 E . -13.90 -0.25 -2.66
O4 SO4 E . -14.42 -2.45 -3.27
S SO4 F . -8.86 -7.20 26.09
O1 SO4 F . -9.27 -5.83 26.33
O2 SO4 F . -8.92 -7.50 24.70
O3 SO4 F . -7.50 -7.41 26.57
O4 SO4 F . -9.74 -8.10 26.79
S SO4 G . 7.34 6.98 19.17
O1 SO4 G . 6.34 7.90 19.65
O2 SO4 G . 7.11 6.72 17.77
O3 SO4 G . 8.65 7.54 19.35
O4 SO4 G . 7.23 5.75 19.91
S SO4 H . -4.97 24.41 14.29
O1 SO4 H . -5.78 24.98 13.26
O2 SO4 H . -3.61 24.82 14.10
O3 SO4 H . -5.05 22.98 14.23
O4 SO4 H . -5.42 24.87 15.58
S SO4 I . 1.12 10.07 -15.33
O1 SO4 I . -0.19 10.63 -15.07
O2 SO4 I . 1.42 10.15 -16.75
O3 SO4 I . 2.12 10.81 -14.60
O4 SO4 I . 1.13 8.68 -14.93
#